data_1SO6
#
_entry.id   1SO6
#
_cell.length_a   122.769
_cell.length_b   41.807
_cell.length_c   90.944
_cell.angle_alpha   90.00
_cell.angle_beta   97.22
_cell.angle_gamma   90.00
#
_symmetry.space_group_name_H-M   'C 1 2 1'
#
loop_
_entity.id
_entity.type
_entity.pdbx_description
1 polymer '3-keto-L-gulonate 6-phosphate decarboxylase'
2 non-polymer 'MAGNESIUM ION'
3 non-polymer 'L-THREONOHYDROXAMATE 4-PHOSPHATE'
4 water water
#
_entity_poly.entity_id   1
_entity_poly.type   'polypeptide(L)'
_entity_poly.pdbx_seq_one_letter_code
;MSLPMLQVALDNQTMDSAYETTRLIAEEVDIIEVGTILCVGEGVRAVRDLKALYPHKIVLADAKIADAGKILSRMCFEAN
ADWVTVICCADINTAKGALDVAKEFNGDVQIQLTGYWTWEQAQQWRDAGIGQVVYARSRDAQAAGVAWGEADITAIKRLS
DMGFKVTVTGGLALEDLPLFKGIPIHVFIAGRSIRDAASPVEAARQFKRSIAELWG
;
_entity_poly.pdbx_strand_id   A,B
#
loop_
_chem_comp.id
_chem_comp.type
_chem_comp.name
_chem_comp.formula
MG non-polymer 'MAGNESIUM ION' 'Mg 2'
TX4 non-polymer 'L-THREONOHYDROXAMATE 4-PHOSPHATE' 'C4 H12 N O8 P'
#
# COMPACT_ATOMS: atom_id res chain seq x y z
N SER A 2 -27.65 9.32 4.88
CA SER A 2 -28.99 8.78 4.77
C SER A 2 -29.35 8.67 3.29
N LEU A 3 -29.46 6.91 2.87
CA LEU A 3 -28.97 5.81 3.71
C LEU A 3 -27.47 5.58 3.46
N PRO A 4 -26.78 5.12 4.49
CA PRO A 4 -25.43 4.58 4.27
C PRO A 4 -25.47 3.50 3.19
N MET A 5 -24.52 3.51 2.27
CA MET A 5 -24.43 2.51 1.21
C MET A 5 -23.77 1.28 1.77
N LEU A 6 -23.93 0.16 1.08
CA LEU A 6 -23.29 -1.07 1.42
C LEU A 6 -22.27 -1.43 0.34
N GLN A 7 -21.07 -1.77 0.78
CA GLN A 7 -19.97 -2.03 -0.10
C GLN A 7 -19.51 -3.42 0.22
N VAL A 8 -19.28 -4.24 -0.79
CA VAL A 8 -18.69 -5.59 -0.55
C VAL A 8 -17.20 -5.55 -0.88
N ALA A 9 -16.36 -6.04 0.00
CA ALA A 9 -14.92 -6.06 -0.26
C ALA A 9 -14.58 -7.42 -0.85
N LEU A 10 -13.98 -7.40 -2.03
CA LEU A 10 -13.47 -8.62 -2.64
C LEU A 10 -11.99 -8.75 -2.33
N ASP A 11 -11.72 -9.28 -1.13
CA ASP A 11 -10.37 -9.63 -0.68
C ASP A 11 -10.06 -11.09 -1.06
N ASN A 12 -9.91 -11.31 -2.35
CA ASN A 12 -9.72 -12.64 -2.92
C ASN A 12 -8.42 -12.56 -3.62
N GLN A 13 -7.72 -13.68 -3.75
CA GLN A 13 -6.42 -13.69 -4.44
C GLN A 13 -6.50 -13.81 -5.96
N THR A 14 -7.61 -14.36 -6.48
CA THR A 14 -7.83 -14.51 -7.91
C THR A 14 -9.23 -14.05 -8.32
N MET A 15 -9.38 -13.73 -9.60
CA MET A 15 -10.64 -13.24 -10.13
C MET A 15 -11.72 -14.30 -9.96
N ASP A 16 -11.39 -15.53 -10.29
CA ASP A 16 -12.39 -16.60 -10.17
C ASP A 16 -12.95 -16.78 -8.77
N SER A 17 -12.12 -16.55 -7.76
CA SER A 17 -12.55 -16.59 -6.37
C SER A 17 -13.48 -15.39 -6.09
N ALA A 18 -13.12 -14.23 -6.62
CA ALA A 18 -13.97 -13.05 -6.46
C ALA A 18 -15.36 -13.24 -7.06
N TYR A 19 -15.40 -13.81 -8.27
CA TYR A 19 -16.65 -14.06 -8.97
C TYR A 19 -17.57 -15.08 -8.27
N GLU A 20 -17.02 -16.00 -7.45
CA GLU A 20 -17.87 -16.85 -6.61
C GLU A 20 -18.79 -16.01 -5.70
N THR A 21 -18.31 -14.82 -5.31
CA THR A 21 -19.12 -13.87 -4.54
C THR A 21 -19.95 -12.95 -5.40
N THR A 22 -19.35 -12.28 -6.38
CA THR A 22 -20.14 -11.36 -7.20
C THR A 22 -21.32 -12.04 -7.89
N ARG A 23 -21.16 -13.28 -8.35
CA ARG A 23 -22.25 -13.96 -9.03
C ARG A 23 -23.49 -14.15 -8.09
N LEU A 24 -23.28 -14.09 -6.78
CA LEU A 24 -24.37 -14.16 -5.78
C LEU A 24 -24.94 -12.82 -5.31
N ILE A 25 -24.04 -11.86 -5.03
CA ILE A 25 -24.45 -10.60 -4.38
C ILE A 25 -24.18 -9.28 -5.12
N ALA A 26 -23.70 -9.32 -6.35
CA ALA A 26 -23.43 -8.04 -7.05
C ALA A 26 -24.62 -7.09 -7.05
N GLU A 27 -25.83 -7.61 -7.24
CA GLU A 27 -26.99 -6.75 -7.32
C GLU A 27 -27.53 -6.44 -5.94
N GLU A 28 -26.89 -6.96 -4.88
CA GLU A 28 -27.39 -6.78 -3.52
C GLU A 28 -26.65 -5.63 -2.81
N VAL A 29 -25.72 -4.96 -3.52
CA VAL A 29 -24.85 -3.98 -2.92
C VAL A 29 -24.74 -2.77 -3.84
N ASP A 30 -24.19 -1.70 -3.27
CA ASP A 30 -24.04 -0.44 -4.02
C ASP A 30 -22.66 -0.27 -4.60
N ILE A 31 -21.66 -0.79 -3.89
CA ILE A 31 -20.27 -0.58 -4.26
C ILE A 31 -19.54 -1.94 -4.26
N ILE A 32 -18.78 -2.19 -5.33
CA ILE A 32 -17.95 -3.37 -5.46
C ILE A 32 -16.50 -2.97 -5.30
N GLU A 33 -15.87 -3.48 -4.25
CA GLU A 33 -14.48 -3.18 -3.96
C GLU A 33 -13.56 -4.29 -4.52
N VAL A 34 -12.59 -3.86 -5.30
CA VAL A 34 -11.42 -4.68 -5.59
C VAL A 34 -10.53 -4.50 -4.39
N GLY A 35 -10.56 -5.48 -3.49
CA GLY A 35 -9.70 -5.51 -2.34
C GLY A 35 -8.21 -5.45 -2.62
N THR A 36 -7.48 -4.93 -1.65
CA THR A 36 -6.04 -4.82 -1.80
C THR A 36 -5.44 -6.19 -2.09
N ILE A 37 -6.01 -7.24 -1.52
CA ILE A 37 -5.56 -8.59 -1.73
C ILE A 37 -5.76 -8.99 -3.19
N LEU A 38 -6.87 -8.54 -3.81
CA LEU A 38 -7.09 -8.81 -5.21
C LEU A 38 -6.21 -7.94 -6.12
N CYS A 39 -6.03 -6.66 -5.79
CA CYS A 39 -5.09 -5.78 -6.49
C CYS A 39 -3.70 -6.36 -6.58
N VAL A 40 -3.24 -6.95 -5.51
CA VAL A 40 -1.91 -7.54 -5.47
C VAL A 40 -1.88 -8.91 -6.11
N GLY A 41 -2.99 -9.63 -6.01
CA GLY A 41 -3.08 -10.96 -6.58
C GLY A 41 -3.14 -10.92 -8.10
N GLU A 42 -4.02 -10.08 -8.64
CA GLU A 42 -4.32 -10.10 -10.06
C GLU A 42 -3.81 -8.84 -10.76
N GLY A 43 -3.48 -7.83 -9.99
CA GLY A 43 -3.28 -6.51 -10.54
C GLY A 43 -4.51 -5.80 -11.05
N VAL A 44 -4.27 -4.70 -11.75
CA VAL A 44 -5.27 -3.74 -12.08
C VAL A 44 -6.29 -4.27 -13.11
N ARG A 45 -5.95 -5.35 -13.79
CA ARG A 45 -6.93 -6.06 -14.60
C ARG A 45 -8.21 -6.40 -13.79
N ALA A 46 -8.07 -6.60 -12.49
CA ALA A 46 -9.21 -6.89 -11.64
C ALA A 46 -10.21 -5.73 -11.64
N VAL A 47 -9.70 -4.51 -11.62
CA VAL A 47 -10.53 -3.31 -11.70
C VAL A 47 -11.24 -3.24 -13.05
N ARG A 48 -10.50 -3.48 -14.12
CA ARG A 48 -11.04 -3.39 -15.51
C ARG A 48 -12.13 -4.42 -15.72
N ASP A 49 -11.88 -5.61 -15.21
CA ASP A 49 -12.78 -6.73 -15.42
C ASP A 49 -14.08 -6.55 -14.65
N LEU A 50 -13.96 -6.17 -13.38
CA LEU A 50 -15.14 -6.00 -12.54
C LEU A 50 -15.99 -4.83 -13.00
N LYS A 51 -15.38 -3.72 -13.39
CA LYS A 51 -16.21 -2.61 -13.90
C LYS A 51 -16.92 -3.01 -15.20
N ALA A 52 -16.28 -3.81 -16.07
CA ALA A 52 -16.90 -4.29 -17.29
C ALA A 52 -18.09 -5.17 -16.95
N LEU A 53 -17.97 -5.99 -15.90
CA LEU A 53 -19.09 -6.83 -15.52
C LEU A 53 -20.24 -6.04 -14.92
N TYR A 54 -19.91 -5.02 -14.12
CA TYR A 54 -20.87 -4.33 -13.27
C TYR A 54 -20.73 -2.81 -13.48
N PRO A 55 -20.91 -2.32 -14.69
CA PRO A 55 -20.63 -0.91 -14.95
C PRO A 55 -21.57 0.07 -14.23
N HIS A 56 -22.73 -0.42 -13.79
CA HIS A 56 -23.71 0.37 -13.10
C HIS A 56 -23.42 0.51 -11.62
N LYS A 57 -22.41 -0.23 -11.13
CA LYS A 57 -22.00 -0.12 -9.77
C LYS A 57 -20.78 0.77 -9.64
N ILE A 58 -20.61 1.35 -8.46
CA ILE A 58 -19.41 2.09 -8.11
C ILE A 58 -18.37 1.03 -7.87
N VAL A 59 -17.22 1.15 -8.54
CA VAL A 59 -16.10 0.27 -8.32
C VAL A 59 -14.95 1.02 -7.60
N LEU A 60 -14.58 0.48 -6.44
CA LEU A 60 -13.52 1.01 -5.60
C LEU A 60 -12.27 0.14 -5.74
N ALA A 61 -11.17 0.74 -6.16
CA ALA A 61 -9.87 0.06 -6.21
C ALA A 61 -9.14 0.36 -4.89
N ASP A 62 -9.12 -0.62 -4.00
CA ASP A 62 -8.52 -0.46 -2.69
C ASP A 62 -7.02 -0.76 -2.80
N ALA A 63 -6.36 0.17 -3.45
CA ALA A 63 -4.94 0.07 -3.75
C ALA A 63 -4.06 0.57 -2.59
N LYS A 64 -4.63 1.32 -1.64
CA LYS A 64 -3.92 1.84 -0.47
C LYS A 64 -2.61 2.50 -0.92
N ILE A 65 -2.72 3.42 -1.88
CA ILE A 65 -1.57 4.08 -2.48
C ILE A 65 -0.75 4.76 -1.41
N ALA A 66 0.54 4.39 -1.31
CA ALA A 66 1.48 5.01 -0.34
C ALA A 66 2.48 5.98 -0.93
N ASP A 67 2.63 5.94 -2.26
CA ASP A 67 3.53 6.83 -2.98
C ASP A 67 3.21 6.73 -4.46
N ALA A 68 3.78 7.62 -5.28
CA ALA A 68 3.51 7.67 -6.70
C ALA A 68 2.01 7.84 -6.97
N GLY A 69 1.41 8.79 -6.27
CA GLY A 69 -0.01 9.04 -6.32
C GLY A 69 -0.58 9.21 -7.71
N LYS A 70 0.11 10.00 -8.52
CA LYS A 70 -0.33 10.24 -9.90
C LYS A 70 -0.27 8.95 -10.73
N ILE A 71 0.84 8.22 -10.66
CA ILE A 71 1.00 7.05 -11.52
C ILE A 71 -0.01 5.96 -11.12
N LEU A 72 -0.04 5.58 -9.85
CA LEU A 72 -0.94 4.51 -9.43
C LEU A 72 -2.42 4.86 -9.57
N SER A 73 -2.77 6.11 -9.32
CA SER A 73 -4.14 6.58 -9.47
C SER A 73 -4.53 6.50 -10.95
N ARG A 74 -3.69 7.00 -11.85
CA ARG A 74 -3.96 6.88 -13.27
C ARG A 74 -4.13 5.42 -13.75
N MET A 75 -3.34 4.49 -13.22
CA MET A 75 -3.49 3.08 -13.60
C MET A 75 -4.86 2.58 -13.22
N CYS A 76 -5.30 2.94 -12.01
CA CYS A 76 -6.60 2.51 -11.52
C CYS A 76 -7.72 3.14 -12.30
N PHE A 77 -7.58 4.43 -12.63
CA PHE A 77 -8.65 5.10 -13.31
C PHE A 77 -8.70 4.75 -14.80
N GLU A 78 -7.56 4.51 -15.45
CA GLU A 78 -7.56 3.98 -16.82
C GLU A 78 -8.17 2.56 -16.89
N ALA A 79 -8.17 1.83 -15.77
CA ALA A 79 -8.90 0.57 -15.67
C ALA A 79 -10.35 0.75 -15.26
N ASN A 80 -10.82 2.01 -15.22
CA ASN A 80 -12.22 2.37 -15.01
C ASN A 80 -12.74 2.33 -13.57
N ALA A 81 -11.83 2.38 -12.60
CA ALA A 81 -12.23 2.63 -11.23
C ALA A 81 -13.06 3.89 -11.15
N ASP A 82 -13.97 3.91 -10.17
CA ASP A 82 -14.65 5.14 -9.80
C ASP A 82 -13.94 5.83 -8.65
N TRP A 83 -13.46 5.01 -7.70
CA TRP A 83 -12.85 5.49 -6.47
C TRP A 83 -11.60 4.68 -6.22
N VAL A 84 -10.60 5.29 -5.58
CA VAL A 84 -9.35 4.67 -5.19
C VAL A 84 -9.00 5.10 -3.77
N THR A 85 -8.29 4.24 -3.03
CA THR A 85 -7.83 4.57 -1.70
C THR A 85 -6.34 4.95 -1.70
N VAL A 86 -6.03 5.88 -0.81
CA VAL A 86 -4.67 6.35 -0.52
C VAL A 86 -4.46 6.07 0.96
N ILE A 87 -3.38 5.37 1.31
CA ILE A 87 -3.13 5.06 2.73
C ILE A 87 -2.80 6.36 3.51
N CYS A 88 -3.24 6.41 4.78
CA CYS A 88 -3.15 7.65 5.58
C CYS A 88 -1.72 8.21 5.71
N CYS A 89 -0.71 7.34 5.77
CA CYS A 89 0.66 7.86 5.86
C CYS A 89 1.26 8.40 4.57
N ALA A 90 0.57 8.30 3.42
CA ALA A 90 1.14 8.84 2.19
C ALA A 90 1.47 10.32 2.39
N ASP A 91 2.54 10.78 1.76
CA ASP A 91 2.89 12.20 1.73
C ASP A 91 1.68 12.95 1.25
N ILE A 92 1.51 14.19 1.67
CA ILE A 92 0.34 14.97 1.23
C ILE A 92 0.33 15.23 -0.27
N ASN A 93 1.51 15.24 -0.89
CA ASN A 93 1.60 15.39 -2.32
C ASN A 93 1.15 14.14 -3.08
N THR A 94 1.33 12.99 -2.48
CA THR A 94 0.77 11.74 -3.03
C THR A 94 -0.75 11.75 -3.04
N ALA A 95 -1.36 12.13 -1.91
CA ALA A 95 -2.81 12.26 -1.83
C ALA A 95 -3.31 13.28 -2.83
N LYS A 96 -2.62 14.44 -2.90
CA LYS A 96 -3.02 15.49 -3.82
C LYS A 96 -2.91 15.03 -5.24
N GLY A 97 -1.82 14.36 -5.56
CA GLY A 97 -1.64 13.83 -6.91
C GLY A 97 -2.71 12.84 -7.32
N ALA A 98 -3.02 11.89 -6.44
CA ALA A 98 -4.08 10.94 -6.73
C ALA A 98 -5.41 11.64 -7.00
N LEU A 99 -5.69 12.68 -6.22
CA LEU A 99 -6.92 13.42 -6.35
C LEU A 99 -6.93 14.23 -7.64
N ASP A 100 -5.81 14.82 -8.04
CA ASP A 100 -5.76 15.53 -9.34
C ASP A 100 -6.16 14.59 -10.47
N VAL A 101 -5.67 13.36 -10.41
CA VAL A 101 -5.91 12.40 -11.47
C VAL A 101 -7.34 11.94 -11.39
N ALA A 102 -7.82 11.65 -10.17
CA ALA A 102 -9.24 11.30 -9.94
C ALA A 102 -10.17 12.30 -10.63
N LYS A 103 -9.88 13.58 -10.48
CA LYS A 103 -10.74 14.62 -11.03
C LYS A 103 -10.79 14.60 -12.57
N GLU A 104 -9.69 14.28 -13.25
CA GLU A 104 -9.73 14.03 -14.69
C GLU A 104 -10.74 12.99 -15.14
N PHE A 105 -10.97 11.98 -14.31
CA PHE A 105 -11.84 10.84 -14.63
C PHE A 105 -13.23 10.94 -14.01
N ASN A 106 -13.52 12.08 -13.39
CA ASN A 106 -14.70 12.29 -12.54
C ASN A 106 -14.83 11.27 -11.43
N GLY A 107 -13.71 10.78 -10.92
CA GLY A 107 -13.72 9.84 -9.81
C GLY A 107 -13.36 10.58 -8.54
N ASP A 108 -12.93 9.81 -7.55
CA ASP A 108 -12.69 10.34 -6.25
C ASP A 108 -11.66 9.49 -5.51
N VAL A 109 -11.04 10.11 -4.51
CA VAL A 109 -10.06 9.49 -3.62
C VAL A 109 -10.58 9.42 -2.19
N GLN A 110 -10.32 8.30 -1.53
CA GLN A 110 -10.60 8.10 -0.14
C GLN A 110 -9.26 7.89 0.57
N ILE A 111 -9.09 8.48 1.74
CA ILE A 111 -7.92 8.21 2.58
C ILE A 111 -8.28 7.02 3.46
N GLN A 112 -7.45 5.99 3.44
CA GLN A 112 -7.69 4.79 4.25
C GLN A 112 -6.96 4.97 5.58
N LEU A 113 -7.74 5.14 6.63
CA LEU A 113 -7.25 5.30 7.99
C LEU A 113 -7.10 3.93 8.62
N THR A 114 -5.96 3.33 8.38
CA THR A 114 -5.62 2.05 9.00
C THR A 114 -4.25 2.25 9.63
N GLY A 115 -4.13 1.81 10.88
CA GLY A 115 -2.91 1.98 11.66
C GLY A 115 -2.75 3.41 12.14
N TYR A 116 -1.53 3.91 12.08
CA TYR A 116 -1.17 5.20 12.63
C TYR A 116 -1.45 6.40 11.69
N TRP A 117 -2.09 7.44 12.25
CA TRP A 117 -2.29 8.75 11.66
C TRP A 117 -2.62 9.78 12.76
N THR A 118 -2.61 11.06 12.40
CA THR A 118 -2.85 12.16 13.36
C THR A 118 -3.94 13.13 12.91
N TRP A 119 -4.54 13.83 13.88
CA TRP A 119 -5.53 14.85 13.56
C TRP A 119 -4.98 15.98 12.66
N GLU A 120 -3.69 16.29 12.76
CA GLU A 120 -3.10 17.29 11.88
C GLU A 120 -3.09 16.84 10.42
N GLN A 121 -2.80 15.57 10.20
CA GLN A 121 -2.88 15.01 8.85
C GLN A 121 -4.32 15.12 8.36
N ALA A 122 -5.28 14.86 9.25
CA ALA A 122 -6.69 14.95 8.86
C ALA A 122 -7.02 16.33 8.36
N GLN A 123 -6.48 17.35 9.00
CA GLN A 123 -6.74 18.71 8.54
C GLN A 123 -6.11 18.98 7.19
N GLN A 124 -4.89 18.50 6.99
CA GLN A 124 -4.21 18.60 5.73
C GLN A 124 -5.03 18.00 4.59
N TRP A 125 -5.62 16.82 4.81
CA TRP A 125 -6.47 16.17 3.80
C TRP A 125 -7.65 17.09 3.42
N ARG A 126 -8.33 17.64 4.42
CA ARG A 126 -9.43 18.57 4.13
C ARG A 126 -8.97 19.81 3.35
N ASP A 127 -7.84 20.36 3.74
CA ASP A 127 -7.30 21.52 3.06
C ASP A 127 -6.92 21.22 1.61
N ALA A 128 -6.54 19.96 1.32
CA ALA A 128 -6.23 19.55 -0.05
C ALA A 128 -7.46 19.20 -0.90
N GLY A 129 -8.65 19.21 -0.31
CA GLY A 129 -9.89 18.93 -1.05
C GLY A 129 -10.37 17.48 -1.02
N ILE A 130 -9.78 16.68 -0.15
CA ILE A 130 -10.21 15.29 0.04
C ILE A 130 -11.53 15.32 0.79
N GLY A 131 -12.53 14.64 0.28
CA GLY A 131 -13.82 14.60 0.96
C GLY A 131 -14.28 13.20 1.42
N GLN A 132 -13.42 12.18 1.33
CA GLN A 132 -13.79 10.87 1.84
C GLN A 132 -12.69 10.29 2.68
N VAL A 133 -13.04 9.67 3.80
CA VAL A 133 -12.11 8.82 4.57
C VAL A 133 -12.75 7.50 4.88
N VAL A 134 -11.92 6.46 5.00
CA VAL A 134 -12.34 5.11 5.40
C VAL A 134 -11.76 4.85 6.78
N TYR A 135 -12.62 4.92 7.78
CA TYR A 135 -12.24 4.56 9.14
C TYR A 135 -12.22 3.05 9.24
N ALA A 136 -11.02 2.50 9.20
CA ALA A 136 -10.81 1.05 9.01
C ALA A 136 -10.20 0.45 10.25
N ARG A 137 -10.81 -0.55 11.11
CA ARG A 137 -10.06 -1.33 12.05
C ARG A 137 -9.21 -2.29 11.25
N SER A 138 -7.88 -2.36 11.47
CA SER A 138 -7.01 -3.30 10.75
C SER A 138 -7.47 -4.73 11.03
N ARG A 139 -7.48 -5.55 10.00
CA ARG A 139 -7.67 -6.99 10.15
C ARG A 139 -6.76 -7.64 11.23
N ASP A 140 -5.52 -7.23 11.23
CA ASP A 140 -4.53 -7.73 12.15
C ASP A 140 -4.75 -7.20 13.54
N ALA A 141 -5.14 -5.94 13.67
CA ALA A 141 -5.49 -5.41 14.99
C ALA A 141 -6.71 -6.21 15.58
N GLN A 142 -7.76 -6.35 14.78
CA GLN A 142 -8.94 -7.18 15.08
C GLN A 142 -8.51 -8.60 15.51
N ALA A 143 -7.58 -9.21 14.79
CA ALA A 143 -7.14 -10.58 15.10
C ALA A 143 -6.38 -10.68 16.43
N ALA A 144 -5.75 -9.59 16.85
CA ALA A 144 -5.12 -9.49 18.19
C ALA A 144 -6.10 -9.07 19.29
N GLY A 145 -7.39 -8.94 18.96
CA GLY A 145 -8.42 -8.63 19.94
C GLY A 145 -8.89 -7.20 20.11
N VAL A 146 -8.55 -6.31 19.18
CA VAL A 146 -9.01 -4.93 19.24
C VAL A 146 -10.46 -4.89 18.81
N ALA A 147 -11.33 -4.48 19.75
CA ALA A 147 -12.75 -4.36 19.49
C ALA A 147 -13.07 -2.93 19.08
N TRP A 148 -14.22 -2.77 18.43
CA TRP A 148 -14.80 -1.45 18.25
C TRP A 148 -15.13 -0.90 19.66
N GLY A 149 -14.90 0.39 19.84
CA GLY A 149 -15.09 1.07 21.13
C GLY A 149 -15.52 2.54 20.99
N GLU A 150 -15.71 3.23 22.12
CA GLU A 150 -16.27 4.57 22.08
C GLU A 150 -15.30 5.55 21.45
N ALA A 151 -14.00 5.27 21.59
CA ALA A 151 -12.97 6.10 21.00
C ALA A 151 -13.08 6.12 19.47
N ASP A 152 -13.51 5.00 18.90
CA ASP A 152 -13.80 4.90 17.47
C ASP A 152 -15.01 5.74 17.11
N ILE A 153 -16.06 5.64 17.91
CA ILE A 153 -17.26 6.42 17.66
C ILE A 153 -16.95 7.92 17.72
N THR A 154 -16.18 8.31 18.73
CA THR A 154 -15.78 9.70 18.88
C THR A 154 -15.00 10.19 17.67
N ALA A 155 -14.01 9.41 17.24
CA ALA A 155 -13.17 9.77 16.10
C ALA A 155 -13.98 9.85 14.80
N ILE A 156 -14.90 8.91 14.59
CA ILE A 156 -15.78 8.91 13.40
C ILE A 156 -16.63 10.17 13.36
N LYS A 157 -17.22 10.51 14.50
CA LYS A 157 -18.02 11.73 14.59
C LYS A 157 -17.14 12.94 14.32
N ARG A 158 -15.91 12.96 14.81
CA ARG A 158 -15.01 14.11 14.60
C ARG A 158 -14.68 14.31 13.11
N LEU A 159 -14.40 13.22 12.43
CA LEU A 159 -14.13 13.24 11.00
C LEU A 159 -15.36 13.69 10.22
N SER A 160 -16.53 13.18 10.58
CA SER A 160 -17.76 13.65 9.98
C SER A 160 -17.90 15.17 10.14
N ASP A 161 -17.68 15.66 11.36
CA ASP A 161 -17.82 17.10 11.61
C ASP A 161 -16.83 17.98 10.87
N MET A 162 -15.68 17.42 10.46
CA MET A 162 -14.67 18.12 9.66
C MET A 162 -15.08 18.28 8.20
N GLY A 163 -16.12 17.55 7.78
CA GLY A 163 -16.61 17.64 6.41
C GLY A 163 -16.37 16.39 5.57
N PHE A 164 -15.76 15.35 6.15
CA PHE A 164 -15.55 14.11 5.42
C PHE A 164 -16.86 13.28 5.37
N LYS A 165 -17.06 12.61 4.23
CA LYS A 165 -17.98 11.47 4.12
C LYS A 165 -17.18 10.30 4.63
N VAL A 166 -17.70 9.65 5.66
CA VAL A 166 -16.94 8.64 6.38
C VAL A 166 -17.46 7.25 6.04
N THR A 167 -16.55 6.35 5.69
CA THR A 167 -16.86 4.94 5.49
C THR A 167 -16.36 4.24 6.75
N VAL A 168 -17.12 3.24 7.20
CA VAL A 168 -16.76 2.46 8.38
C VAL A 168 -16.52 1.01 7.95
N THR A 169 -15.39 0.46 8.35
CA THR A 169 -15.10 -0.93 7.98
C THR A 169 -14.11 -1.60 8.91
N GLY A 170 -14.08 -2.90 8.86
CA GLY A 170 -13.00 -3.65 9.47
C GLY A 170 -13.55 -4.78 10.28
N GLY A 171 -13.81 -5.91 9.63
CA GLY A 171 -14.43 -7.03 10.30
C GLY A 171 -15.82 -6.72 10.81
N LEU A 172 -16.57 -5.83 10.14
CA LEU A 172 -17.93 -5.53 10.58
C LEU A 172 -18.83 -6.73 10.51
N ALA A 173 -19.54 -6.96 11.61
CA ALA A 173 -20.63 -7.92 11.68
C ALA A 173 -21.94 -7.14 11.73
N LEU A 174 -23.04 -7.83 11.45
CA LEU A 174 -24.35 -7.22 11.38
C LEU A 174 -24.66 -6.49 12.68
N GLU A 175 -24.29 -7.13 13.77
CA GLU A 175 -24.58 -6.68 15.12
C GLU A 175 -23.84 -5.41 15.49
N ASP A 176 -22.73 -5.16 14.82
CA ASP A 176 -21.97 -3.93 15.05
C ASP A 176 -22.70 -2.68 14.61
N LEU A 177 -23.68 -2.80 13.72
CA LEU A 177 -24.19 -1.59 13.05
C LEU A 177 -24.82 -0.54 13.98
N PRO A 178 -25.56 -0.97 15.01
CA PRO A 178 -26.16 -0.01 15.94
C PRO A 178 -25.13 0.88 16.66
N LEU A 179 -23.86 0.45 16.78
CA LEU A 179 -22.79 1.29 17.39
C LEU A 179 -22.70 2.68 16.76
N PHE A 180 -22.99 2.72 15.46
CA PHE A 180 -22.79 3.89 14.64
C PHE A 180 -24.05 4.71 14.40
N LYS A 181 -25.17 4.28 15.01
CA LYS A 181 -26.43 4.96 14.89
C LYS A 181 -26.34 6.47 15.13
N GLY A 182 -26.99 7.21 14.24
CA GLY A 182 -27.16 8.64 14.37
C GLY A 182 -26.00 9.43 13.82
N ILE A 183 -25.00 8.75 13.27
CA ILE A 183 -23.90 9.37 12.57
C ILE A 183 -24.18 9.26 11.07
N PRO A 184 -24.03 10.32 10.28
CA PRO A 184 -24.30 10.23 8.83
C PRO A 184 -23.23 9.44 8.02
N ILE A 185 -23.08 8.16 8.32
CA ILE A 185 -22.11 7.27 7.67
C ILE A 185 -22.39 7.18 6.17
N HIS A 186 -21.35 7.30 5.35
CA HIS A 186 -21.52 7.26 3.91
C HIS A 186 -21.70 5.85 3.42
N VAL A 187 -20.85 4.96 3.92
CA VAL A 187 -20.72 3.55 3.45
C VAL A 187 -20.31 2.64 4.60
N PHE A 188 -20.93 1.48 4.66
CA PHE A 188 -20.44 0.41 5.49
C PHE A 188 -19.89 -0.64 4.54
N ILE A 189 -18.65 -1.06 4.74
CA ILE A 189 -18.04 -2.20 4.05
C ILE A 189 -18.14 -3.53 4.84
N ALA A 190 -18.48 -4.60 4.13
CA ALA A 190 -18.35 -5.96 4.65
C ALA A 190 -17.65 -6.80 3.63
N GLY A 191 -16.59 -7.48 4.04
CA GLY A 191 -15.91 -8.44 3.20
C GLY A 191 -16.27 -9.81 3.75
N ARG A 192 -15.64 -10.22 4.83
CA ARG A 192 -15.77 -11.60 5.32
C ARG A 192 -17.19 -11.93 5.74
N SER A 193 -17.88 -11.01 6.41
CA SER A 193 -19.24 -11.26 6.87
C SER A 193 -20.31 -11.37 5.72
N ILE A 194 -19.97 -10.91 4.50
CA ILE A 194 -20.73 -11.26 3.31
C ILE A 194 -20.16 -12.46 2.57
N ARG A 195 -18.88 -12.41 2.18
CA ARG A 195 -18.30 -13.49 1.35
C ARG A 195 -18.37 -14.85 2.02
N ASP A 196 -18.10 -14.88 3.33
CA ASP A 196 -17.95 -16.13 4.03
C ASP A 196 -19.20 -16.55 4.81
N ALA A 197 -20.31 -15.84 4.63
CA ALA A 197 -21.57 -16.25 5.27
C ALA A 197 -22.11 -17.54 4.64
N ALA A 198 -22.83 -18.36 5.42
CA ALA A 198 -23.45 -19.57 4.86
C ALA A 198 -24.33 -19.18 3.68
N SER A 199 -24.99 -18.03 3.80
CA SER A 199 -25.79 -17.45 2.73
C SER A 199 -25.38 -16.01 2.49
N PRO A 200 -24.46 -15.78 1.57
CA PRO A 200 -24.04 -14.39 1.24
C PRO A 200 -25.19 -13.45 0.85
N VAL A 201 -26.20 -13.96 0.14
CA VAL A 201 -27.37 -13.14 -0.24
C VAL A 201 -28.11 -12.65 1.01
N GLU A 202 -28.40 -13.56 1.95
CA GLU A 202 -29.09 -13.21 3.19
C GLU A 202 -28.21 -12.27 4.00
N ALA A 203 -26.90 -12.45 3.98
CA ALA A 203 -26.04 -11.61 4.79
C ALA A 203 -26.08 -10.19 4.24
N ALA A 204 -26.02 -10.04 2.93
CA ALA A 204 -26.10 -8.70 2.34
C ALA A 204 -27.45 -8.05 2.54
N ARG A 205 -28.52 -8.81 2.35
CA ARG A 205 -29.86 -8.24 2.59
C ARG A 205 -30.08 -7.85 4.05
N GLN A 206 -29.51 -8.59 4.99
CA GLN A 206 -29.66 -8.25 6.40
C GLN A 206 -28.93 -6.94 6.72
N PHE A 207 -27.74 -6.78 6.17
CA PHE A 207 -27.03 -5.52 6.31
C PHE A 207 -27.91 -4.41 5.79
N LYS A 208 -28.52 -4.61 4.62
CA LYS A 208 -29.29 -3.52 3.99
C LYS A 208 -30.55 -3.23 4.82
N ARG A 209 -31.21 -4.28 5.28
CA ARG A 209 -32.39 -4.19 6.19
C ARG A 209 -32.08 -3.37 7.42
N SER A 210 -30.99 -3.72 8.09
CA SER A 210 -30.66 -3.09 9.36
C SER A 210 -30.28 -1.64 9.14
N ILE A 211 -29.56 -1.36 8.08
CA ILE A 211 -29.23 0.02 7.73
C ILE A 211 -30.50 0.83 7.52
N ALA A 212 -31.45 0.25 6.76
CA ALA A 212 -32.69 0.98 6.47
C ALA A 212 -33.47 1.27 7.77
N GLU A 213 -33.43 0.32 8.69
CA GLU A 213 -34.10 0.43 9.97
C GLU A 213 -33.44 1.50 10.86
N LEU A 214 -32.11 1.48 10.92
CA LEU A 214 -31.35 2.35 11.81
C LEU A 214 -31.17 3.78 11.30
N TRP A 215 -31.23 4.00 9.98
CA TRP A 215 -31.05 5.32 9.37
C TRP A 215 -32.32 5.78 8.65
N GLY A 216 -33.80 4.85 8.58
CA GLY A 216 -35.13 5.36 8.25
C GLY A 216 -35.54 6.53 9.13
N SER B 2 31.74 -2.21 4.82
CA SER B 2 31.02 -3.06 3.78
C SER B 2 30.29 -2.16 2.79
N LEU B 3 30.38 -2.47 1.51
CA LEU B 3 29.83 -1.55 0.50
C LEU B 3 28.32 -1.65 0.54
N PRO B 4 27.67 -0.50 0.53
CA PRO B 4 26.24 -0.48 0.18
C PRO B 4 25.98 -1.27 -1.09
N MET B 5 24.88 -2.02 -1.12
CA MET B 5 24.50 -2.76 -2.31
C MET B 5 23.65 -1.86 -3.18
N LEU B 6 23.44 -2.28 -4.41
CA LEU B 6 22.63 -1.58 -5.36
C LEU B 6 21.39 -2.39 -5.71
N GLN B 7 20.24 -1.77 -5.55
CA GLN B 7 18.95 -2.39 -5.87
C GLN B 7 18.33 -1.65 -7.03
N VAL B 8 17.87 -2.35 -8.07
CA VAL B 8 17.08 -1.69 -9.14
C VAL B 8 15.60 -1.82 -8.84
N ALA B 9 14.90 -0.70 -8.83
CA ALA B 9 13.44 -0.70 -8.71
C ALA B 9 12.75 -0.77 -10.08
N LEU B 10 11.98 -1.83 -10.27
CA LEU B 10 11.18 -2.02 -11.46
C LEU B 10 9.78 -1.44 -11.22
N ASP B 11 9.66 -0.13 -11.38
CA ASP B 11 8.40 0.53 -11.23
C ASP B 11 7.77 0.65 -12.58
N ASN B 12 7.47 -0.48 -13.17
CA ASN B 12 6.95 -0.58 -14.53
C ASN B 12 5.54 -1.10 -14.43
N GLN B 13 4.68 -0.69 -15.36
CA GLN B 13 3.30 -1.12 -15.39
C GLN B 13 3.08 -2.52 -15.95
N THR B 14 4.02 -3.03 -16.76
CA THR B 14 3.89 -4.38 -17.36
C THR B 14 5.19 -5.12 -17.28
N MET B 15 5.14 -6.46 -17.22
CA MET B 15 6.36 -7.27 -17.18
C MET B 15 7.28 -6.92 -18.34
N ASP B 16 6.72 -6.75 -19.51
CA ASP B 16 7.60 -6.59 -20.67
C ASP B 16 8.45 -5.34 -20.58
N SER B 17 7.87 -4.26 -20.01
CA SER B 17 8.60 -3.01 -19.79
C SER B 17 9.71 -3.26 -18.75
N ALA B 18 9.42 -4.05 -17.71
CA ALA B 18 10.41 -4.38 -16.69
C ALA B 18 11.59 -5.11 -17.30
N TYR B 19 11.27 -6.04 -18.20
CA TYR B 19 12.26 -6.91 -18.80
C TYR B 19 13.17 -6.11 -19.78
N GLU B 20 12.68 -5.00 -20.30
CA GLU B 20 13.54 -4.12 -21.12
C GLU B 20 14.70 -3.59 -20.27
N THR B 21 14.47 -3.45 -18.97
CA THR B 21 15.50 -3.12 -18.01
C THR B 21 16.27 -4.33 -17.53
N THR B 22 15.61 -5.39 -17.07
CA THR B 22 16.37 -6.53 -16.47
C THR B 22 17.35 -7.27 -17.41
N ARG B 23 16.98 -7.35 -18.68
CA ARG B 23 17.87 -7.95 -19.67
C ARG B 23 19.19 -7.16 -19.79
N LEU B 24 19.18 -5.87 -19.49
CA LEU B 24 20.39 -5.05 -19.49
C LEU B 24 21.13 -5.08 -18.15
N ILE B 25 20.42 -5.01 -17.03
CA ILE B 25 21.11 -4.79 -15.74
C ILE B 25 20.98 -5.86 -14.65
N ALA B 26 20.35 -7.00 -14.93
CA ALA B 26 20.14 -7.99 -13.87
C ALA B 26 21.46 -8.30 -13.22
N GLU B 27 22.50 -8.44 -14.02
CA GLU B 27 23.79 -8.86 -13.50
C GLU B 27 24.66 -7.69 -13.03
N GLU B 28 24.12 -6.48 -13.10
CA GLU B 28 24.87 -5.27 -12.76
C GLU B 28 24.42 -4.72 -11.41
N VAL B 29 23.42 -5.36 -10.80
CA VAL B 29 22.88 -4.95 -9.50
C VAL B 29 22.77 -6.15 -8.58
N ASP B 30 22.56 -5.87 -7.31
CA ASP B 30 22.45 -6.91 -6.26
C ASP B 30 21.03 -7.40 -6.00
N ILE B 31 20.09 -6.47 -5.98
CA ILE B 31 18.71 -6.76 -5.66
C ILE B 31 17.81 -6.29 -6.81
N ILE B 32 16.89 -7.16 -7.21
CA ILE B 32 15.84 -6.81 -8.14
C ILE B 32 14.53 -6.58 -7.42
N GLU B 33 14.06 -5.34 -7.48
CA GLU B 33 12.80 -5.00 -6.88
C GLU B 33 11.64 -5.04 -7.88
N VAL B 34 10.62 -5.79 -7.51
CA VAL B 34 9.29 -5.65 -8.07
C VAL B 34 8.63 -4.44 -7.42
N GLY B 35 8.61 -3.31 -8.15
CA GLY B 35 8.13 -2.05 -7.65
C GLY B 35 6.63 -2.09 -7.37
N THR B 36 6.19 -1.24 -6.46
CA THR B 36 4.77 -1.20 -6.13
C THR B 36 3.93 -1.02 -7.40
N ILE B 37 4.45 -0.25 -8.33
CA ILE B 37 3.75 0.01 -9.58
C ILE B 37 3.63 -1.26 -10.43
N LEU B 38 4.67 -2.12 -10.40
CA LEU B 38 4.61 -3.42 -11.08
C LEU B 38 3.71 -4.44 -10.37
N CYS B 39 3.73 -4.48 -9.05
CA CYS B 39 2.84 -5.29 -8.26
C CYS B 39 1.39 -4.96 -8.55
N VAL B 40 1.07 -3.67 -8.71
CA VAL B 40 -0.30 -3.25 -8.93
C VAL B 40 -0.66 -3.46 -10.39
N GLY B 41 0.27 -3.24 -11.31
CA GLY B 41 0.03 -3.46 -12.72
C GLY B 41 -0.21 -4.93 -13.11
N GLU B 42 0.65 -5.81 -12.63
CA GLU B 42 0.64 -7.21 -13.09
C GLU B 42 0.23 -8.17 -12.01
N GLY B 43 0.23 -7.72 -10.76
CA GLY B 43 -0.04 -8.62 -9.64
C GLY B 43 1.14 -9.50 -9.30
N VAL B 44 0.93 -10.49 -8.41
CA VAL B 44 2.06 -11.16 -7.81
C VAL B 44 2.80 -12.13 -8.76
N ARG B 45 2.22 -12.35 -9.94
CA ARG B 45 2.96 -13.08 -10.96
C ARG B 45 4.29 -12.39 -11.31
N ALA B 46 4.40 -11.09 -11.10
CA ALA B 46 5.64 -10.38 -11.43
C ALA B 46 6.78 -10.93 -10.56
N VAL B 47 6.44 -11.23 -9.31
CA VAL B 47 7.42 -11.73 -8.36
C VAL B 47 7.85 -13.13 -8.80
N ARG B 48 6.88 -13.98 -9.08
CA ARG B 48 7.14 -15.35 -9.50
C ARG B 48 8.00 -15.39 -10.78
N ASP B 49 7.60 -14.60 -11.78
CA ASP B 49 8.29 -14.54 -13.06
C ASP B 49 9.70 -14.02 -12.93
N LEU B 50 9.90 -12.96 -12.16
CA LEU B 50 11.23 -12.37 -12.06
C LEU B 50 12.17 -13.30 -11.29
N LYS B 51 11.68 -13.92 -10.24
CA LYS B 51 12.50 -14.87 -9.48
C LYS B 51 12.88 -16.10 -10.35
N ALA B 52 11.99 -16.49 -11.25
CA ALA B 52 12.26 -17.59 -12.17
C ALA B 52 13.32 -17.23 -13.16
N LEU B 53 13.33 -16.00 -13.63
CA LEU B 53 14.40 -15.54 -14.49
C LEU B 53 15.74 -15.44 -13.77
N TYR B 54 15.70 -14.99 -12.52
CA TYR B 54 16.91 -14.55 -11.83
C TYR B 54 16.93 -15.16 -10.41
N PRO B 55 16.92 -16.50 -10.35
CA PRO B 55 16.73 -17.21 -9.07
C PRO B 55 17.88 -17.09 -8.10
N HIS B 56 19.03 -16.69 -8.61
CA HIS B 56 20.23 -16.45 -7.85
C HIS B 56 20.27 -15.07 -7.20
N LYS B 57 19.39 -14.15 -7.61
CA LYS B 57 19.33 -12.77 -7.10
C LYS B 57 18.27 -12.66 -5.99
N ILE B 58 18.50 -11.72 -5.06
CA ILE B 58 17.50 -11.35 -4.08
C ILE B 58 16.38 -10.59 -4.84
N VAL B 59 15.15 -11.03 -4.66
CA VAL B 59 14.00 -10.35 -5.26
C VAL B 59 13.14 -9.79 -4.14
N LEU B 60 12.92 -8.50 -4.21
CA LEU B 60 12.10 -7.77 -3.26
C LEU B 60 10.75 -7.46 -3.85
N ALA B 61 9.69 -7.84 -3.16
CA ALA B 61 8.33 -7.47 -3.55
C ALA B 61 7.98 -6.17 -2.81
N ASP B 62 7.94 -5.05 -3.51
CA ASP B 62 7.69 -3.77 -2.84
C ASP B 62 6.19 -3.50 -2.77
N ALA B 63 5.55 -4.29 -1.91
CA ALA B 63 4.10 -4.37 -1.82
C ALA B 63 3.53 -3.30 -0.91
N LYS B 64 4.37 -2.75 -0.05
CA LYS B 64 3.97 -1.68 0.87
C LYS B 64 2.73 -2.07 1.64
N ILE B 65 2.78 -3.26 2.19
CA ILE B 65 1.68 -3.82 2.94
C ILE B 65 1.24 -2.90 4.06
N ALA B 66 -0.07 -2.57 4.06
CA ALA B 66 -0.63 -1.75 5.11
C ALA B 66 -1.59 -2.48 6.06
N ASP B 67 -2.04 -3.65 5.67
CA ASP B 67 -2.96 -4.42 6.48
C ASP B 67 -2.93 -5.83 5.92
N ALA B 68 -3.54 -6.77 6.61
CA ALA B 68 -3.56 -8.16 6.17
C ALA B 68 -2.13 -8.62 5.94
N GLY B 69 -1.30 -8.43 6.97
CA GLY B 69 0.11 -8.75 6.93
C GLY B 69 0.41 -10.19 6.60
N LYS B 70 -0.30 -11.10 7.26
CA LYS B 70 -0.07 -12.52 6.99
C LYS B 70 -0.49 -12.95 5.56
N ILE B 71 -1.65 -12.48 5.13
CA ILE B 71 -2.16 -12.85 3.79
C ILE B 71 -1.27 -12.29 2.67
N LEU B 72 -0.99 -11.00 2.70
CA LEU B 72 -0.25 -10.39 1.59
C LEU B 72 1.19 -10.88 1.62
N SER B 73 1.76 -10.93 2.83
CA SER B 73 3.09 -11.51 2.95
C SER B 73 3.14 -12.90 2.31
N ARG B 74 2.20 -13.76 2.69
CA ARG B 74 2.20 -15.13 2.15
C ARG B 74 2.01 -15.19 0.63
N MET B 75 1.19 -14.30 0.06
CA MET B 75 1.07 -14.24 -1.40
C MET B 75 2.40 -13.97 -2.06
N CYS B 76 3.17 -13.06 -1.49
CA CYS B 76 4.45 -12.66 -2.07
C CYS B 76 5.46 -13.78 -1.87
N PHE B 77 5.51 -14.34 -0.67
CA PHE B 77 6.46 -15.40 -0.41
C PHE B 77 6.18 -16.70 -1.13
N GLU B 78 4.90 -17.06 -1.27
CA GLU B 78 4.53 -18.19 -2.13
C GLU B 78 4.93 -17.95 -3.64
N ALA B 79 5.04 -16.69 -4.06
CA ALA B 79 5.54 -16.30 -5.39
C ALA B 79 7.08 -16.23 -5.44
N ASN B 80 7.73 -16.66 -4.36
CA ASN B 80 9.18 -16.80 -4.23
C ASN B 80 9.98 -15.48 -3.96
N ALA B 81 9.33 -14.51 -3.36
CA ALA B 81 9.99 -13.30 -2.96
C ALA B 81 11.04 -13.67 -1.90
N ASP B 82 12.08 -12.86 -1.82
CA ASP B 82 13.02 -12.94 -0.69
C ASP B 82 12.66 -11.96 0.41
N TRP B 83 12.39 -10.71 0.01
CA TRP B 83 12.06 -9.63 0.92
C TRP B 83 10.71 -9.05 0.53
N VAL B 84 9.98 -8.51 1.50
CA VAL B 84 8.74 -7.76 1.26
C VAL B 84 8.75 -6.51 2.09
N THR B 85 8.11 -5.45 1.59
CA THR B 85 7.95 -4.19 2.35
C THR B 85 6.61 -4.05 2.98
N VAL B 86 6.60 -3.45 4.16
CA VAL B 86 5.43 -3.14 4.96
C VAL B 86 5.51 -1.63 5.21
N ILE B 87 4.44 -0.92 4.88
CA ILE B 87 4.43 0.54 5.06
C ILE B 87 4.38 0.90 6.55
N CYS B 88 5.13 1.96 6.93
CA CYS B 88 5.40 2.31 8.33
C CYS B 88 4.13 2.52 9.19
N CYS B 89 3.02 2.97 8.62
CA CYS B 89 1.81 3.20 9.44
C CYS B 89 1.03 1.94 9.76
N ALA B 90 1.38 0.81 9.12
CA ALA B 90 0.69 -0.44 9.41
C ALA B 90 0.63 -0.67 10.90
N ASP B 91 -0.50 -1.16 11.34
CA ASP B 91 -0.63 -1.64 12.70
C ASP B 91 0.53 -2.57 13.03
N ILE B 92 1.01 -2.53 14.25
CA ILE B 92 2.15 -3.33 14.60
C ILE B 92 1.93 -4.84 14.39
N ASN B 93 0.70 -5.29 14.52
CA ASN B 93 0.36 -6.68 14.26
C ASN B 93 0.44 -7.03 12.80
N THR B 94 0.22 -6.06 11.92
CA THR B 94 0.42 -6.27 10.50
C THR B 94 1.87 -6.57 10.23
N ALA B 95 2.75 -5.74 10.81
CA ALA B 95 4.20 -5.89 10.63
C ALA B 95 4.64 -7.23 11.19
N LYS B 96 4.13 -7.57 12.36
CA LYS B 96 4.52 -8.83 13.03
C LYS B 96 4.06 -10.04 12.25
N GLY B 97 2.82 -9.97 11.73
CA GLY B 97 2.28 -11.04 10.92
C GLY B 97 3.08 -11.28 9.66
N ALA B 98 3.45 -10.18 8.98
CA ALA B 98 4.30 -10.29 7.80
C ALA B 98 5.64 -10.93 8.13
N LEU B 99 6.26 -10.48 9.23
CA LEU B 99 7.52 -11.08 9.66
C LEU B 99 7.41 -12.56 9.97
N ASP B 100 6.34 -12.97 10.65
CA ASP B 100 6.17 -14.39 11.00
C ASP B 100 6.16 -15.23 9.73
N VAL B 101 5.45 -14.76 8.71
CA VAL B 101 5.39 -15.44 7.43
C VAL B 101 6.74 -15.45 6.73
N ALA B 102 7.41 -14.30 6.68
CA ALA B 102 8.77 -14.19 6.16
C ALA B 102 9.71 -15.23 6.73
N LYS B 103 9.63 -15.46 8.04
CA LYS B 103 10.57 -16.36 8.70
C LYS B 103 10.31 -17.80 8.26
N GLU B 104 9.04 -18.19 8.08
CA GLU B 104 8.72 -19.50 7.51
C GLU B 104 9.32 -19.74 6.13
N PHE B 105 9.54 -18.68 5.37
CA PHE B 105 10.11 -18.79 4.03
C PHE B 105 11.61 -18.47 3.96
N ASN B 106 12.25 -18.31 5.12
CA ASN B 106 13.63 -17.82 5.24
C ASN B 106 13.84 -16.51 4.52
N GLY B 107 12.81 -15.68 4.57
CA GLY B 107 12.84 -14.34 3.99
C GLY B 107 12.88 -13.25 5.04
N ASP B 108 12.57 -12.02 4.62
CA ASP B 108 12.67 -10.88 5.52
C ASP B 108 11.66 -9.80 5.16
N VAL B 109 11.40 -8.94 6.13
CA VAL B 109 10.53 -7.78 6.01
C VAL B 109 11.33 -6.48 6.18
N GLN B 110 10.99 -5.50 5.38
CA GLN B 110 11.50 -4.14 5.55
C GLN B 110 10.34 -3.21 5.78
N ILE B 111 10.49 -2.31 6.74
CA ILE B 111 9.54 -1.27 6.96
C ILE B 111 9.89 -0.09 6.05
N GLN B 112 8.95 0.28 5.21
CA GLN B 112 9.09 1.40 4.29
C GLN B 112 8.58 2.66 4.99
N LEU B 113 9.50 3.59 5.23
CA LEU B 113 9.22 4.78 6.00
C LEU B 113 8.63 5.80 5.09
N THR B 114 7.36 6.16 4.92
CA THR B 114 7.22 7.58 4.46
C THR B 114 5.80 7.85 4.29
N GLY B 115 5.62 9.16 4.38
CA GLY B 115 4.72 9.79 5.31
C GLY B 115 5.68 10.23 6.38
N TYR B 116 4.66 10.14 7.72
CA TYR B 116 4.79 10.43 9.15
C TYR B 116 5.07 9.11 9.88
N TRP B 117 6.00 9.16 10.84
CA TRP B 117 6.29 8.05 11.77
C TRP B 117 7.09 8.59 12.95
N THR B 118 7.17 7.81 14.03
CA THR B 118 7.78 8.27 15.26
C THR B 118 8.83 7.32 15.74
N TRP B 119 9.68 7.82 16.62
CA TRP B 119 10.77 7.05 17.16
C TRP B 119 10.32 5.93 18.11
N GLU B 120 9.20 6.12 18.81
CA GLU B 120 8.63 5.03 19.61
C GLU B 120 8.18 3.86 18.67
N GLN B 121 7.54 4.19 17.55
CA GLN B 121 7.22 3.21 16.50
C GLN B 121 8.45 2.45 16.00
N ALA B 122 9.53 3.17 15.74
CA ALA B 122 10.80 2.55 15.38
C ALA B 122 11.24 1.55 16.43
N GLN B 123 11.15 1.93 17.69
CA GLN B 123 11.47 1.00 18.76
C GLN B 123 10.53 -0.23 18.78
N GLN B 124 9.24 -0.04 18.51
CA GLN B 124 8.33 -1.20 18.39
C GLN B 124 8.79 -2.13 17.27
N TRP B 125 9.16 -1.57 16.12
CA TRP B 125 9.68 -2.42 15.04
C TRP B 125 10.87 -3.23 15.50
N ARG B 126 11.82 -2.61 16.21
CA ARG B 126 12.99 -3.33 16.66
C ARG B 126 12.58 -4.43 17.62
N ASP B 127 11.72 -4.07 18.58
CA ASP B 127 11.21 -5.03 19.58
C ASP B 127 10.49 -6.21 18.94
N ALA B 128 9.78 -5.96 17.84
CA ALA B 128 9.12 -7.00 17.07
C ALA B 128 10.09 -7.89 16.27
N GLY B 129 11.33 -7.43 16.11
CA GLY B 129 12.35 -8.22 15.43
C GLY B 129 12.62 -7.79 13.99
N ILE B 130 12.18 -6.59 13.63
CA ILE B 130 12.37 -6.07 12.30
C ILE B 130 13.79 -5.50 12.27
N GLY B 131 14.54 -5.88 11.24
CA GLY B 131 15.94 -5.55 11.12
C GLY B 131 16.32 -4.70 9.91
N GLN B 132 15.33 -4.27 9.12
CA GLN B 132 15.52 -3.41 7.94
C GLN B 132 14.46 -2.34 7.86
N VAL B 133 14.88 -1.11 7.52
CA VAL B 133 14.00 -0.02 7.15
C VAL B 133 14.46 0.65 5.86
N VAL B 134 13.50 1.19 5.12
CA VAL B 134 13.76 1.89 3.88
C VAL B 134 13.45 3.35 4.10
N TYR B 135 14.51 4.14 4.17
CA TYR B 135 14.37 5.58 4.33
C TYR B 135 14.14 6.17 2.97
N ALA B 136 12.89 6.50 2.68
CA ALA B 136 12.51 6.90 1.33
C ALA B 136 11.97 8.30 1.28
N ARG B 137 12.45 9.07 0.31
CA ARG B 137 11.81 10.30 -0.09
C ARG B 137 10.76 9.95 -1.13
N SER B 138 9.53 10.30 -0.85
CA SER B 138 8.42 10.07 -1.75
C SER B 138 8.67 10.77 -3.10
N ARG B 139 8.32 10.07 -4.17
CA ARG B 139 8.35 10.57 -5.52
C ARG B 139 7.58 11.88 -5.61
N ASP B 140 6.46 11.94 -4.93
CA ASP B 140 5.56 13.10 -4.99
C ASP B 140 6.11 14.28 -4.18
N ALA B 141 6.70 14.02 -3.03
CA ALA B 141 7.44 15.03 -2.27
C ALA B 141 8.60 15.59 -3.14
N GLN B 142 9.41 14.68 -3.69
CA GLN B 142 10.48 15.06 -4.61
C GLN B 142 9.96 15.99 -5.71
N ALA B 143 8.87 15.63 -6.36
CA ALA B 143 8.29 16.47 -7.42
C ALA B 143 7.84 17.86 -6.91
N ALA B 144 7.46 17.93 -5.63
CA ALA B 144 7.08 19.20 -5.00
C ALA B 144 8.30 19.99 -4.50
N GLY B 145 9.51 19.46 -4.69
CA GLY B 145 10.74 20.19 -4.44
C GLY B 145 11.47 19.80 -3.17
N VAL B 146 11.07 18.71 -2.52
CA VAL B 146 11.74 18.27 -1.31
C VAL B 146 13.11 17.74 -1.68
N ALA B 147 14.16 18.34 -1.10
CA ALA B 147 15.53 17.87 -1.28
C ALA B 147 15.98 17.02 -0.12
N TRP B 148 17.02 16.22 -0.38
CA TRP B 148 17.75 15.51 0.65
C TRP B 148 18.45 16.54 1.49
N GLY B 149 18.42 16.36 2.81
CA GLY B 149 19.10 17.32 3.68
C GLY B 149 19.59 16.76 5.00
N GLU B 150 19.82 17.69 5.93
CA GLU B 150 20.55 17.38 7.17
C GLU B 150 19.72 16.51 8.05
N ALA B 151 18.44 16.86 8.13
CA ALA B 151 17.50 16.13 8.99
C ALA B 151 17.48 14.65 8.60
N ASP B 152 17.67 14.39 7.31
CA ASP B 152 17.74 13.02 6.77
C ASP B 152 18.95 12.26 7.25
N ILE B 153 20.13 12.89 7.25
CA ILE B 153 21.37 12.24 7.68
C ILE B 153 21.26 11.86 9.15
N THR B 154 20.74 12.79 9.94
CA THR B 154 20.57 12.56 11.36
C THR B 154 19.63 11.38 11.62
N ALA B 155 18.49 11.39 10.94
CA ALA B 155 17.52 10.32 11.12
C ALA B 155 18.09 8.96 10.67
N ILE B 156 18.78 8.92 9.55
CA ILE B 156 19.34 7.68 9.02
C ILE B 156 20.35 7.08 9.99
N LYS B 157 21.14 7.97 10.58
CA LYS B 157 22.20 7.59 11.49
C LYS B 157 21.58 7.01 12.74
N ARG B 158 20.55 7.68 13.22
CA ARG B 158 19.84 7.24 14.40
C ARG B 158 19.16 5.89 14.15
N LEU B 159 18.59 5.69 12.97
CA LEU B 159 17.99 4.40 12.64
C LEU B 159 19.00 3.28 12.64
N SER B 160 20.15 3.55 12.04
CA SER B 160 21.27 2.62 12.02
C SER B 160 21.75 2.30 13.44
N ASP B 161 21.89 3.31 14.29
CA ASP B 161 22.34 3.08 15.66
C ASP B 161 21.36 2.22 16.45
N MET B 162 20.07 2.28 16.10
CA MET B 162 19.06 1.41 16.75
C MET B 162 19.13 -0.05 16.32
N GLY B 163 19.97 -0.33 15.33
CA GLY B 163 20.19 -1.69 14.88
C GLY B 163 19.53 -2.05 13.54
N PHE B 164 18.90 -1.09 12.85
CA PHE B 164 18.35 -1.41 11.54
C PHE B 164 19.46 -1.33 10.48
N LYS B 165 19.37 -2.20 9.48
CA LYS B 165 20.03 -1.99 8.19
C LYS B 165 19.14 -1.05 7.41
N VAL B 166 19.72 0.06 6.98
CA VAL B 166 18.99 1.13 6.34
C VAL B 166 19.25 1.15 4.85
N THR B 167 18.17 1.09 4.09
CA THR B 167 18.19 1.32 2.65
C THR B 167 17.83 2.78 2.45
N VAL B 168 18.50 3.41 1.51
CA VAL B 168 18.19 4.80 1.17
C VAL B 168 17.69 4.83 -0.26
N THR B 169 16.58 5.54 -0.48
CA THR B 169 15.93 5.63 -1.78
C THR B 169 15.07 6.89 -1.97
N GLY B 170 14.78 7.22 -3.22
CA GLY B 170 13.82 8.23 -3.55
C GLY B 170 14.41 9.21 -4.52
N GLY B 171 14.26 8.90 -5.81
CA GLY B 171 14.81 9.70 -6.87
C GLY B 171 16.31 9.92 -6.77
N LEU B 172 17.05 8.96 -6.23
CA LEU B 172 18.48 9.12 -6.10
C LEU B 172 19.12 9.33 -7.47
N ALA B 173 20.00 10.33 -7.49
CA ALA B 173 20.88 10.55 -8.59
C ALA B 173 22.29 10.27 -8.11
N LEU B 174 23.19 10.06 -9.06
CA LEU B 174 24.59 9.76 -8.76
C LEU B 174 25.18 10.75 -7.75
N GLU B 175 24.85 12.03 -7.97
CA GLU B 175 25.28 13.20 -7.20
C GLU B 175 24.83 13.27 -5.74
N ASP B 176 23.80 12.50 -5.40
CA ASP B 176 23.31 12.38 -4.04
C ASP B 176 24.16 11.47 -3.16
N LEU B 177 24.90 10.54 -3.74
CA LEU B 177 25.57 9.50 -2.92
C LEU B 177 26.51 10.07 -1.86
N PRO B 178 27.31 11.08 -2.21
CA PRO B 178 28.23 11.71 -1.25
C PRO B 178 27.56 12.30 -0.02
N LEU B 179 26.28 12.68 -0.10
CA LEU B 179 25.51 13.10 1.08
C LEU B 179 25.53 12.09 2.22
N PHE B 180 25.62 10.80 1.88
CA PHE B 180 25.50 9.69 2.81
C PHE B 180 26.82 9.00 3.21
N LYS B 181 27.93 9.51 2.68
CA LYS B 181 29.24 8.98 2.97
C LYS B 181 29.43 8.96 4.48
N GLY B 182 30.06 7.90 5.00
CA GLY B 182 30.34 7.77 6.41
C GLY B 182 29.34 6.96 7.19
N ILE B 183 28.19 6.67 6.58
CA ILE B 183 27.09 5.96 7.23
C ILE B 183 27.05 4.55 6.64
N PRO B 184 26.89 3.50 7.47
CA PRO B 184 26.89 2.12 6.98
C PRO B 184 25.56 1.75 6.27
N ILE B 185 25.28 2.43 5.16
CA ILE B 185 24.07 2.17 4.36
C ILE B 185 24.12 0.74 3.82
N HIS B 186 22.98 0.05 3.95
CA HIS B 186 22.88 -1.34 3.53
C HIS B 186 22.70 -1.47 2.01
N VAL B 187 21.87 -0.58 1.46
CA VAL B 187 21.42 -0.62 0.06
C VAL B 187 21.09 0.79 -0.41
N PHE B 188 21.48 1.14 -1.62
CA PHE B 188 20.88 2.28 -2.33
C PHE B 188 19.98 1.73 -3.46
N ILE B 189 18.77 2.28 -3.59
CA ILE B 189 17.87 1.89 -4.66
C ILE B 189 17.89 2.97 -5.72
N ALA B 190 17.94 2.55 -6.98
CA ALA B 190 17.73 3.48 -8.12
C ALA B 190 16.69 2.87 -9.04
N GLY B 191 15.61 3.59 -9.24
CA GLY B 191 14.63 3.26 -10.25
C GLY B 191 14.91 4.04 -11.50
N ARG B 192 14.33 5.24 -11.58
CA ARG B 192 14.41 6.09 -12.76
C ARG B 192 15.84 6.35 -13.23
N SER B 193 16.76 6.60 -12.31
CA SER B 193 18.14 6.98 -12.70
C SER B 193 18.91 5.84 -13.40
N ILE B 194 18.45 4.60 -13.24
CA ILE B 194 18.91 3.49 -14.07
C ILE B 194 17.97 3.20 -15.25
N ARG B 195 16.69 3.00 -15.00
CA ARG B 195 15.77 2.56 -16.08
C ARG B 195 15.71 3.54 -17.26
N ASP B 196 15.77 4.82 -16.93
CA ASP B 196 15.49 5.88 -17.89
C ASP B 196 16.77 6.50 -18.42
N ALA B 197 17.93 5.96 -18.01
CA ALA B 197 19.20 6.44 -18.51
C ALA B 197 19.34 6.09 -19.97
N ALA B 198 20.10 6.88 -20.71
CA ALA B 198 20.41 6.55 -22.10
C ALA B 198 21.00 5.17 -22.23
N SER B 199 21.88 4.82 -21.28
CA SER B 199 22.43 3.48 -21.11
C SER B 199 22.28 2.96 -19.69
N PRO B 200 21.23 2.21 -19.41
CA PRO B 200 21.02 1.62 -18.08
C PRO B 200 22.24 0.87 -17.53
N VAL B 201 22.96 0.14 -18.40
CA VAL B 201 24.15 -0.59 -18.00
C VAL B 201 25.18 0.36 -17.44
N GLU B 202 25.47 1.43 -18.15
CA GLU B 202 26.48 2.36 -17.68
C GLU B 202 25.98 3.13 -16.45
N ALA B 203 24.68 3.35 -16.34
CA ALA B 203 24.16 4.07 -15.17
C ALA B 203 24.41 3.22 -13.92
N ALA B 204 24.08 1.94 -14.03
CA ALA B 204 24.25 1.01 -12.91
C ALA B 204 25.73 0.93 -12.55
N ARG B 205 26.62 0.80 -13.52
CA ARG B 205 28.06 0.76 -13.31
C ARG B 205 28.60 2.02 -12.65
N GLN B 206 28.06 3.17 -13.03
CA GLN B 206 28.51 4.42 -12.44
C GLN B 206 28.13 4.48 -10.95
N PHE B 207 26.92 4.05 -10.63
CA PHE B 207 26.53 3.96 -9.23
C PHE B 207 27.50 3.03 -8.50
N LYS B 208 27.84 1.89 -9.07
CA LYS B 208 28.68 0.90 -8.34
C LYS B 208 30.10 1.43 -8.13
N ARG B 209 30.59 2.19 -9.11
CA ARG B 209 31.92 2.82 -9.04
C ARG B 209 31.97 3.89 -7.97
N SER B 210 30.95 4.74 -7.93
CA SER B 210 30.86 5.78 -6.97
C SER B 210 30.73 5.21 -5.58
N ILE B 211 29.89 4.20 -5.43
CA ILE B 211 29.77 3.52 -4.14
C ILE B 211 31.10 3.00 -3.68
N ALA B 212 31.81 2.32 -4.59
CA ALA B 212 33.11 1.70 -4.26
C ALA B 212 34.14 2.75 -3.82
N GLU B 213 34.09 3.94 -4.41
CA GLU B 213 34.96 5.04 -4.03
C GLU B 213 34.58 5.64 -2.68
N LEU B 214 33.30 5.84 -2.46
CA LEU B 214 32.85 6.54 -1.25
C LEU B 214 32.90 5.68 0.00
N TRP B 215 32.66 4.37 -0.16
CA TRP B 215 32.70 3.39 0.96
C TRP B 215 33.93 2.49 0.97
N GLY B 216 34.78 2.64 -0.02
CA GLY B 216 36.03 1.93 -0.02
C GLY B 216 36.96 2.50 1.03
MG MG C . -10.28 -3.23 1.49
O7 TX4 D . -12.67 -6.80 7.24
P TX4 D . -13.58 -7.30 6.14
O5 TX4 D . -13.33 -8.77 5.79
O6 TX4 D . -15.03 -6.91 6.44
O4 TX4 D . -13.10 -6.54 4.83
C4 TX4 D . -13.29 -5.14 4.68
C3 TX4 D . -12.01 -4.34 4.95
O3 TX4 D . -12.24 -2.97 4.58
C2 TX4 D . -10.85 -4.85 4.09
O2 TX4 D . -11.18 -4.79 2.69
C1 TX4 D . -9.66 -3.98 4.27
O1 TX4 D . -9.38 -3.09 3.35
N TX4 D . -8.99 -4.11 5.33
ON TX4 D . -7.85 -3.31 5.53
MG MG E . 9.80 0.80 -4.80
O7 TX4 F . 12.66 6.93 -7.02
P TX4 F . 13.21 5.89 -7.98
O5 TX4 F . 12.67 6.03 -9.41
O6 TX4 F . 14.71 5.78 -7.86
O4 TX4 F . 12.53 4.47 -7.50
C4 TX4 F . 12.92 3.81 -6.30
C3 TX4 F . 11.89 4.04 -5.18
O3 TX4 F . 12.28 3.33 -4.00
C2 TX4 F . 10.50 3.60 -5.61
O2 TX4 F . 10.62 2.32 -6.18
C1 TX4 F . 9.56 3.61 -4.45
O1 TX4 F . 9.28 2.53 -3.73
N TX4 F . 9.09 4.76 -4.19
ON TX4 F . 8.18 4.86 -3.10
#